data_7RFY
#
_entry.id   7RFY
#
_cell.length_a   48.222
_cell.length_b   59.711
_cell.length_c   82.640
_cell.angle_alpha   90.000
_cell.angle_beta   98.890
_cell.angle_gamma   90.000
#
_symmetry.space_group_name_H-M   'P 1 21 1'
#
loop_
_entity.id
_entity.type
_entity.pdbx_description
1 polymer 'Importin subunit alpha-3'
2 polymer ORF4b
#
loop_
_entity_poly.entity_id
_entity_poly.type
_entity_poly.pdbx_seq_one_letter_code
_entity_poly.pdbx_strand_id
1 'polypeptide(L)'
;SGDYRVQNTSLEAIVQNASSDNQGIQLSAVQAARKLLSSDRNPPIDDLIKSGILPILVHCLERDDNPSLQFEAAWALTNI
ASGTSEQTQAVVQSNAVPLFLRLLHSPHQNVCEQAVWALGNIIGDGPQCRDYVISLGVVKPLLSFISPSIPITFLRNVTW
VMVNLCRHKDPPPPMETIQEILPALCVLIHHTDVNILVDTVWALSYLTDAGNEQIQMVIDSGIVPHLVPLLSHQEVKVQT
AALRAVGNIVTGTDEQTQVVLNCDALSHFPALLTHPKEKINKEAVWFLSNITAGNQQQVQAVIDANLVPMIIHLLDKGDF
GTQKEAAWAISNLTISGRKDQVAYLIQQNVIPPFCNLLTVKDAQVVQVVLDGLSNILKMAEDEAETIGNLIEECGGLEKI
EQLQNHENEDIYKLAYEIIDQFFSSDDIDEDPSLVPEAIQGGTFGFNSSANVPTEGFQF
;
A
2 'polypeptide(L)' RKARKRSHSPTKKLRYVKRRF B
#
# COMPACT_ATOMS: atom_id res chain seq x y z
N SER A 10 -5.16 -38.49 14.00
CA SER A 10 -5.15 -39.37 12.84
C SER A 10 -4.35 -38.76 11.70
N LEU A 11 -3.31 -38.00 12.02
CA LEU A 11 -2.57 -37.29 10.99
C LEU A 11 -1.79 -38.25 10.10
N GLU A 12 -1.10 -39.23 10.70
CA GLU A 12 -0.30 -40.15 9.90
C GLU A 12 -1.17 -41.14 9.16
N ALA A 13 -2.29 -41.57 9.77
CA ALA A 13 -3.26 -42.35 9.02
C ALA A 13 -3.80 -41.56 7.84
N ILE A 14 -4.06 -40.26 8.04
CA ILE A 14 -4.48 -39.40 6.95
C ILE A 14 -3.44 -39.40 5.84
N VAL A 15 -2.17 -39.23 6.20
CA VAL A 15 -1.10 -39.17 5.20
C VAL A 15 -1.06 -40.48 4.41
N GLN A 16 -1.07 -41.61 5.12
CA GLN A 16 -0.98 -42.91 4.44
C GLN A 16 -2.18 -43.13 3.53
N ASN A 17 -3.39 -42.82 4.02
CA ASN A 17 -4.58 -42.99 3.19
C ASN A 17 -4.55 -42.06 1.99
N ALA A 18 -3.92 -40.89 2.13
CA ALA A 18 -3.75 -39.98 0.99
C ALA A 18 -2.78 -40.56 -0.03
N SER A 19 -1.77 -41.28 0.44
CA SER A 19 -0.86 -41.97 -0.47
C SER A 19 -1.46 -43.29 -0.93
N SER A 20 -2.69 -43.25 -1.44
CA SER A 20 -3.40 -44.42 -1.90
C SER A 20 -3.88 -44.21 -3.32
N ASP A 21 -4.09 -45.33 -4.03
CA ASP A 21 -4.62 -45.29 -5.39
C ASP A 21 -6.10 -45.62 -5.43
N ASN A 22 -6.78 -45.64 -4.28
CA ASN A 22 -8.23 -45.67 -4.22
C ASN A 22 -8.71 -44.22 -4.16
N GLN A 23 -9.23 -43.73 -5.28
CA GLN A 23 -9.61 -42.32 -5.38
C GLN A 23 -10.45 -41.89 -4.19
N GLY A 24 -11.42 -42.72 -3.80
CA GLY A 24 -12.27 -42.37 -2.67
C GLY A 24 -11.47 -42.18 -1.39
N ILE A 25 -10.61 -43.14 -1.06
CA ILE A 25 -9.83 -43.08 0.17
C ILE A 25 -8.93 -41.84 0.16
N GLN A 26 -8.22 -41.62 -0.94
CA GLN A 26 -7.26 -40.51 -0.98
C GLN A 26 -7.98 -39.17 -0.91
N LEU A 27 -9.12 -39.03 -1.63
CA LEU A 27 -9.86 -37.78 -1.57
C LEU A 27 -10.43 -37.54 -0.18
N SER A 28 -10.91 -38.60 0.48
CA SER A 28 -11.42 -38.45 1.84
C SER A 28 -10.32 -37.98 2.78
N ALA A 29 -9.12 -38.57 2.66
CA ALA A 29 -8.01 -38.16 3.53
C ALA A 29 -7.60 -36.72 3.24
N VAL A 30 -7.58 -36.34 1.96
CA VAL A 30 -7.17 -34.98 1.61
C VAL A 30 -8.17 -33.96 2.13
N GLN A 31 -9.48 -34.26 2.01
CA GLN A 31 -10.47 -33.32 2.52
C GLN A 31 -10.50 -33.32 4.04
N ALA A 32 -10.12 -34.42 4.68
CA ALA A 32 -9.98 -34.40 6.14
C ALA A 32 -8.83 -33.49 6.56
N ALA A 33 -7.69 -33.58 5.88
CA ALA A 33 -6.58 -32.67 6.16
C ALA A 33 -6.99 -31.22 5.89
N ARG A 34 -7.73 -30.99 4.81
CA ARG A 34 -8.24 -29.65 4.52
C ARG A 34 -9.12 -29.15 5.65
N LYS A 35 -9.99 -30.01 6.19
CA LYS A 35 -10.81 -29.62 7.32
C LYS A 35 -9.94 -29.25 8.52
N LEU A 36 -8.98 -30.10 8.86
CA LEU A 36 -8.07 -29.81 9.96
C LEU A 36 -7.41 -28.45 9.79
N LEU A 37 -6.97 -28.14 8.57
CA LEU A 37 -6.21 -26.93 8.33
C LEU A 37 -7.06 -25.70 8.03
N SER A 38 -8.37 -25.87 7.88
CA SER A 38 -9.27 -24.78 7.49
C SER A 38 -10.35 -24.53 8.54
N SER A 39 -9.99 -24.55 9.81
CA SER A 39 -10.97 -24.30 10.86
C SER A 39 -10.36 -23.65 12.09
N ASP A 40 -9.78 -24.45 12.98
CA ASP A 40 -9.24 -23.93 14.24
C ASP A 40 -8.27 -22.79 13.97
N ARG A 41 -8.34 -21.76 14.81
CA ARG A 41 -7.48 -20.59 14.62
C ARG A 41 -6.00 -20.97 14.68
N ASN A 42 -5.66 -21.99 15.46
CA ASN A 42 -4.30 -22.54 15.52
C ASN A 42 -4.30 -23.88 14.80
N PRO A 43 -4.02 -23.91 13.50
CA PRO A 43 -4.11 -25.18 12.75
C PRO A 43 -2.87 -26.03 12.95
N PRO A 44 -2.92 -27.31 12.54
CA PRO A 44 -1.77 -28.21 12.69
C PRO A 44 -0.84 -28.22 11.49
N ILE A 45 -0.47 -27.03 11.01
CA ILE A 45 0.35 -26.92 9.80
C ILE A 45 1.69 -27.60 10.00
N ASP A 46 2.38 -27.26 11.09
CA ASP A 46 3.72 -27.79 11.32
C ASP A 46 3.70 -29.32 11.46
N ASP A 47 2.73 -29.84 12.19
CA ASP A 47 2.67 -31.29 12.40
C ASP A 47 2.32 -32.01 11.11
N LEU A 48 1.39 -31.47 10.32
CA LEU A 48 1.06 -32.10 9.05
C LEU A 48 2.21 -32.01 8.05
N ILE A 49 3.04 -30.97 8.16
CA ILE A 49 4.26 -30.91 7.36
C ILE A 49 5.24 -31.99 7.81
N LYS A 50 5.40 -32.15 9.13
CA LYS A 50 6.28 -33.19 9.65
C LYS A 50 5.82 -34.58 9.23
N SER A 51 4.52 -34.79 9.09
CA SER A 51 4.00 -36.09 8.67
C SER A 51 4.17 -36.33 7.16
N GLY A 52 4.66 -35.36 6.42
CA GLY A 52 4.94 -35.57 5.01
C GLY A 52 3.76 -35.47 4.09
N ILE A 53 2.82 -34.57 4.37
CA ILE A 53 1.66 -34.38 3.52
C ILE A 53 1.97 -33.56 2.28
N LEU A 54 3.05 -32.78 2.32
CA LEU A 54 3.35 -31.85 1.23
C LEU A 54 3.60 -32.57 -0.10
N PRO A 55 4.51 -33.54 -0.19
CA PRO A 55 4.73 -34.20 -1.48
C PRO A 55 3.49 -34.93 -1.98
N ILE A 56 2.70 -35.51 -1.07
CA ILE A 56 1.47 -36.18 -1.50
C ILE A 56 0.51 -35.19 -2.13
N LEU A 57 0.34 -34.02 -1.51
CA LEU A 57 -0.57 -33.02 -2.07
C LEU A 57 -0.06 -32.48 -3.40
N VAL A 58 1.26 -32.22 -3.48
CA VAL A 58 1.83 -31.74 -4.73
C VAL A 58 1.64 -32.78 -5.83
N HIS A 59 1.78 -34.06 -5.48
CA HIS A 59 1.50 -35.13 -6.44
C HIS A 59 0.05 -35.10 -6.88
N CYS A 60 -0.88 -34.93 -5.93
CA CYS A 60 -2.29 -34.90 -6.27
C CYS A 60 -2.62 -33.73 -7.19
N LEU A 61 -1.88 -32.62 -7.08
CA LEU A 61 -2.13 -31.48 -7.95
C LEU A 61 -2.00 -31.85 -9.43
N GLU A 62 -1.17 -32.83 -9.75
CA GLU A 62 -0.92 -33.19 -11.14
C GLU A 62 -1.98 -34.10 -11.74
N ARG A 63 -2.94 -34.56 -10.93
CA ARG A 63 -3.93 -35.54 -11.37
C ARG A 63 -5.08 -34.79 -12.06
N ASP A 64 -4.88 -34.51 -13.35
CA ASP A 64 -5.90 -33.80 -14.12
C ASP A 64 -7.19 -34.60 -14.26
N ASP A 65 -7.12 -35.92 -14.11
CA ASP A 65 -8.31 -36.75 -14.23
C ASP A 65 -9.24 -36.62 -13.03
N ASN A 66 -8.74 -36.10 -11.89
CA ASN A 66 -9.55 -35.92 -10.68
C ASN A 66 -9.58 -34.43 -10.32
N PRO A 67 -10.53 -33.67 -10.90
CA PRO A 67 -10.53 -32.23 -10.65
C PRO A 67 -10.79 -31.86 -9.20
N SER A 68 -11.69 -32.59 -8.53
CA SER A 68 -11.99 -32.27 -7.14
C SER A 68 -10.84 -32.59 -6.22
N LEU A 69 -10.10 -33.67 -6.51
CA LEU A 69 -8.87 -33.94 -5.77
C LEU A 69 -7.88 -32.80 -5.95
N GLN A 70 -7.69 -32.35 -7.19
CA GLN A 70 -6.83 -31.20 -7.43
C GLN A 70 -7.29 -29.99 -6.61
N PHE A 71 -8.59 -29.73 -6.60
CA PHE A 71 -9.12 -28.57 -5.89
C PHE A 71 -8.86 -28.68 -4.39
N GLU A 72 -9.14 -29.84 -3.81
CA GLU A 72 -8.95 -30.01 -2.37
C GLU A 72 -7.48 -29.92 -1.99
N ALA A 73 -6.60 -30.45 -2.85
CA ALA A 73 -5.16 -30.33 -2.58
C ALA A 73 -4.71 -28.88 -2.65
N ALA A 74 -5.19 -28.13 -3.65
CA ALA A 74 -4.88 -26.71 -3.72
C ALA A 74 -5.39 -25.98 -2.49
N TRP A 75 -6.56 -26.37 -1.99
CA TRP A 75 -7.12 -25.79 -0.76
C TRP A 75 -6.19 -26.04 0.41
N ALA A 76 -5.81 -27.31 0.62
CA ALA A 76 -4.93 -27.65 1.73
C ALA A 76 -3.61 -26.91 1.65
N LEU A 77 -3.03 -26.82 0.44
CA LEU A 77 -1.75 -26.13 0.29
C LEU A 77 -1.89 -24.63 0.48
N THR A 78 -3.02 -24.07 0.02
CA THR A 78 -3.30 -22.66 0.28
C THR A 78 -3.27 -22.38 1.77
N ASN A 79 -3.97 -23.21 2.56
CA ASN A 79 -4.04 -22.96 3.98
C ASN A 79 -2.73 -23.30 4.69
N ILE A 80 -1.94 -24.21 4.12
CA ILE A 80 -0.61 -24.47 4.67
C ILE A 80 0.30 -23.26 4.45
N ALA A 81 0.17 -22.61 3.29
CA ALA A 81 0.97 -21.44 2.97
C ALA A 81 0.49 -20.18 3.67
N SER A 82 -0.59 -20.26 4.45
CA SER A 82 -1.09 -19.12 5.20
C SER A 82 -0.46 -19.01 6.59
N GLY A 83 0.47 -19.90 6.93
CA GLY A 83 1.10 -19.88 8.22
C GLY A 83 2.38 -19.06 8.25
N THR A 84 3.43 -19.63 8.84
CA THR A 84 4.68 -18.90 9.00
C THR A 84 5.44 -18.83 7.67
N SER A 85 6.38 -17.89 7.62
CA SER A 85 7.26 -17.78 6.45
C SER A 85 7.95 -19.10 6.17
N GLU A 86 8.34 -19.83 7.22
CA GLU A 86 9.00 -21.11 7.03
C GLU A 86 8.07 -22.12 6.37
N GLN A 87 6.78 -22.09 6.74
CA GLN A 87 5.83 -23.03 6.15
C GLN A 87 5.53 -22.67 4.70
N THR A 88 5.41 -21.38 4.40
CA THR A 88 5.26 -20.95 3.02
C THR A 88 6.47 -21.36 2.18
N GLN A 89 7.67 -21.19 2.74
CA GLN A 89 8.88 -21.61 2.04
C GLN A 89 8.94 -23.11 1.87
N ALA A 90 8.40 -23.87 2.82
CA ALA A 90 8.31 -25.32 2.66
C ALA A 90 7.41 -25.67 1.48
N VAL A 91 6.23 -25.05 1.41
CA VAL A 91 5.35 -25.24 0.26
C VAL A 91 6.11 -24.93 -1.04
N VAL A 92 6.86 -23.83 -1.04
CA VAL A 92 7.62 -23.46 -2.23
C VAL A 92 8.65 -24.54 -2.56
N GLN A 93 9.30 -25.09 -1.55
CA GLN A 93 10.30 -26.13 -1.75
C GLN A 93 9.70 -27.42 -2.26
N SER A 94 8.40 -27.65 -2.01
CA SER A 94 7.75 -28.87 -2.49
C SER A 94 7.55 -28.89 -4.00
N ASN A 95 7.87 -27.79 -4.70
CA ASN A 95 7.65 -27.68 -6.14
C ASN A 95 6.16 -27.52 -6.47
N ALA A 96 5.46 -26.72 -5.66
CA ALA A 96 4.04 -26.49 -5.87
C ALA A 96 3.75 -25.33 -6.81
N VAL A 97 4.68 -24.36 -6.90
CA VAL A 97 4.42 -23.17 -7.71
C VAL A 97 4.27 -23.51 -9.19
N PRO A 98 5.15 -24.32 -9.79
CA PRO A 98 4.96 -24.62 -11.22
C PRO A 98 3.67 -25.36 -11.50
N LEU A 99 3.26 -26.26 -10.60
CA LEU A 99 2.02 -27.00 -10.80
C LEU A 99 0.81 -26.08 -10.68
N PHE A 100 0.85 -25.12 -9.74
CA PHE A 100 -0.20 -24.11 -9.68
C PHE A 100 -0.24 -23.30 -10.97
N LEU A 101 0.93 -22.87 -11.44
CA LEU A 101 1.00 -22.11 -12.69
C LEU A 101 0.38 -22.89 -13.84
N ARG A 102 0.60 -24.20 -13.88
CA ARG A 102 0.01 -25.01 -14.94
C ARG A 102 -1.49 -25.14 -14.77
N LEU A 103 -1.96 -25.38 -13.54
CA LEU A 103 -3.39 -25.51 -13.29
C LEU A 103 -4.15 -24.21 -13.50
N LEU A 104 -3.46 -23.08 -13.59
CA LEU A 104 -4.15 -21.84 -13.98
C LEU A 104 -4.88 -22.01 -15.31
N HIS A 105 -4.41 -22.92 -16.17
CA HIS A 105 -5.01 -23.15 -17.48
C HIS A 105 -5.89 -24.39 -17.53
N SER A 106 -6.48 -24.77 -16.40
CA SER A 106 -7.32 -25.96 -16.36
C SER A 106 -8.70 -25.66 -16.92
N PRO A 107 -9.37 -26.66 -17.50
CA PRO A 107 -10.72 -26.43 -18.03
C PRO A 107 -11.77 -26.24 -16.94
N HIS A 108 -11.44 -26.48 -15.67
CA HIS A 108 -12.36 -26.33 -14.56
C HIS A 108 -11.98 -25.09 -13.75
N GLN A 109 -12.96 -24.25 -13.46
CA GLN A 109 -12.69 -22.94 -12.86
C GLN A 109 -12.25 -23.04 -11.40
N ASN A 110 -12.62 -24.10 -10.69
CA ASN A 110 -12.33 -24.18 -9.27
C ASN A 110 -10.83 -24.36 -9.03
N VAL A 111 -10.22 -25.31 -9.74
CA VAL A 111 -8.77 -25.49 -9.63
C VAL A 111 -8.05 -24.21 -10.01
N CYS A 112 -8.54 -23.52 -11.04
CA CYS A 112 -7.91 -22.28 -11.47
C CYS A 112 -7.96 -21.21 -10.39
N GLU A 113 -9.15 -20.98 -9.82
CA GLU A 113 -9.30 -19.96 -8.80
C GLU A 113 -8.51 -20.30 -7.54
N GLN A 114 -8.53 -21.57 -7.14
CA GLN A 114 -7.77 -21.96 -5.94
C GLN A 114 -6.27 -21.86 -6.19
N ALA A 115 -5.82 -22.10 -7.43
CA ALA A 115 -4.42 -21.91 -7.76
C ALA A 115 -4.04 -20.44 -7.69
N VAL A 116 -4.92 -19.56 -8.19
CA VAL A 116 -4.69 -18.13 -8.03
C VAL A 116 -4.55 -17.78 -6.55
N TRP A 117 -5.46 -18.32 -5.72
CA TRP A 117 -5.41 -18.06 -4.29
C TRP A 117 -4.09 -18.50 -3.67
N ALA A 118 -3.67 -19.74 -3.97
CA ALA A 118 -2.44 -20.27 -3.40
C ALA A 118 -1.23 -19.48 -3.88
N LEU A 119 -1.18 -19.15 -5.16
CA LEU A 119 -0.07 -18.36 -5.67
C LEU A 119 -0.05 -16.95 -5.06
N GLY A 120 -1.22 -16.40 -4.76
CA GLY A 120 -1.24 -15.14 -4.04
C GLY A 120 -0.65 -15.25 -2.65
N ASN A 121 -1.05 -16.30 -1.92
CA ASN A 121 -0.47 -16.55 -0.61
C ASN A 121 1.04 -16.71 -0.69
N ILE A 122 1.53 -17.37 -1.75
CA ILE A 122 2.96 -17.59 -1.90
C ILE A 122 3.67 -16.27 -2.21
N ILE A 123 3.11 -15.49 -3.15
CA ILE A 123 3.72 -14.23 -3.56
C ILE A 123 3.77 -13.25 -2.40
N GLY A 124 2.74 -13.25 -1.56
CA GLY A 124 2.68 -12.33 -0.44
C GLY A 124 3.72 -12.58 0.63
N ASP A 125 4.39 -13.73 0.60
CA ASP A 125 5.38 -14.04 1.63
C ASP A 125 6.55 -13.08 1.57
N GLY A 126 7.13 -12.89 0.39
CA GLY A 126 8.30 -12.04 0.26
C GLY A 126 8.67 -11.73 -1.18
N PRO A 127 9.60 -10.79 -1.35
CA PRO A 127 9.99 -10.39 -2.71
C PRO A 127 10.71 -11.47 -3.48
N GLN A 128 11.43 -12.38 -2.81
CA GLN A 128 12.16 -13.42 -3.53
C GLN A 128 11.19 -14.45 -4.11
N CYS A 129 10.23 -14.91 -3.30
CA CYS A 129 9.18 -15.77 -3.83
C CYS A 129 8.37 -15.06 -4.91
N ARG A 130 8.09 -13.77 -4.70
CA ARG A 130 7.41 -12.98 -5.72
C ARG A 130 8.18 -13.03 -7.04
N ASP A 131 9.49 -12.79 -6.99
CA ASP A 131 10.30 -12.76 -8.20
C ASP A 131 10.37 -14.13 -8.85
N TYR A 132 10.42 -15.19 -8.05
CA TYR A 132 10.40 -16.54 -8.62
C TYR A 132 9.11 -16.79 -9.38
N VAL A 133 7.97 -16.52 -8.73
CA VAL A 133 6.67 -16.73 -9.38
C VAL A 133 6.54 -15.85 -10.62
N ILE A 134 7.12 -14.65 -10.58
CA ILE A 134 7.12 -13.78 -11.75
C ILE A 134 7.94 -14.40 -12.88
N SER A 135 9.14 -14.87 -12.55
CA SER A 135 9.99 -15.50 -13.56
C SER A 135 9.27 -16.65 -14.23
N LEU A 136 8.52 -17.43 -13.46
CA LEU A 136 7.75 -18.52 -14.06
C LEU A 136 6.59 -18.02 -14.91
N GLY A 137 6.30 -16.72 -14.90
CA GLY A 137 5.31 -16.16 -15.81
C GLY A 137 3.88 -16.28 -15.33
N VAL A 138 3.52 -15.51 -14.30
CA VAL A 138 2.21 -15.61 -13.68
C VAL A 138 1.33 -14.45 -14.14
N VAL A 139 1.97 -13.31 -14.46
CA VAL A 139 1.22 -12.08 -14.66
C VAL A 139 0.29 -12.19 -15.86
N LYS A 140 0.78 -12.76 -16.96
CA LYS A 140 -0.05 -12.83 -18.17
C LYS A 140 -1.29 -13.68 -17.96
N PRO A 141 -1.18 -14.95 -17.53
CA PRO A 141 -2.41 -15.72 -17.27
C PRO A 141 -3.26 -15.13 -16.16
N LEU A 142 -2.64 -14.48 -15.16
CA LEU A 142 -3.42 -13.88 -14.09
C LEU A 142 -4.33 -12.78 -14.63
N LEU A 143 -3.77 -11.88 -15.44
CA LEU A 143 -4.55 -10.78 -15.98
C LEU A 143 -5.39 -11.18 -17.19
N SER A 144 -5.16 -12.35 -17.77
CA SER A 144 -6.05 -12.82 -18.83
C SER A 144 -7.46 -13.07 -18.31
N PHE A 145 -7.59 -13.41 -17.02
CA PHE A 145 -8.89 -13.65 -16.43
C PHE A 145 -9.73 -12.39 -16.29
N ILE A 146 -9.16 -11.22 -16.57
CA ILE A 146 -9.89 -9.96 -16.43
C ILE A 146 -10.89 -9.87 -17.58
N SER A 147 -12.17 -10.07 -17.28
CA SER A 147 -13.22 -10.04 -18.28
C SER A 147 -14.51 -9.61 -17.60
N PRO A 148 -15.46 -9.03 -18.34
CA PRO A 148 -16.74 -8.65 -17.71
C PRO A 148 -17.52 -9.84 -17.17
N SER A 149 -17.34 -11.03 -17.75
CA SER A 149 -18.07 -12.21 -17.33
C SER A 149 -17.50 -12.87 -16.08
N ILE A 150 -16.39 -12.37 -15.56
CA ILE A 150 -15.76 -13.01 -14.40
C ILE A 150 -16.65 -12.81 -13.17
N PRO A 151 -16.77 -13.79 -12.28
CA PRO A 151 -17.44 -13.53 -11.00
C PRO A 151 -16.62 -12.59 -10.12
N ILE A 152 -17.33 -11.79 -9.34
CA ILE A 152 -16.67 -10.76 -8.54
C ILE A 152 -15.77 -11.39 -7.49
N THR A 153 -16.08 -12.60 -7.03
CA THR A 153 -15.20 -13.27 -6.08
C THR A 153 -13.85 -13.58 -6.70
N PHE A 154 -13.86 -14.20 -7.89
CA PHE A 154 -12.61 -14.50 -8.59
C PHE A 154 -11.85 -13.22 -8.91
N LEU A 155 -12.56 -12.16 -9.32
CA LEU A 155 -11.89 -10.92 -9.64
C LEU A 155 -11.28 -10.28 -8.39
N ARG A 156 -11.96 -10.41 -7.25
CA ARG A 156 -11.41 -9.92 -5.99
C ARG A 156 -10.11 -10.64 -5.65
N ASN A 157 -10.10 -11.97 -5.80
CA ASN A 157 -8.88 -12.72 -5.54
C ASN A 157 -7.76 -12.29 -6.49
N VAL A 158 -8.10 -12.07 -7.77
CA VAL A 158 -7.09 -11.64 -8.73
C VAL A 158 -6.52 -10.28 -8.35
N THR A 159 -7.37 -9.35 -7.91
CA THR A 159 -6.90 -8.03 -7.53
C THR A 159 -6.05 -8.09 -6.26
N TRP A 160 -6.41 -8.97 -5.32
CA TRP A 160 -5.59 -9.17 -4.14
C TRP A 160 -4.21 -9.70 -4.53
N VAL A 161 -4.16 -10.62 -5.49
CA VAL A 161 -2.87 -11.12 -5.97
C VAL A 161 -2.07 -10.00 -6.60
N MET A 162 -2.73 -9.12 -7.36
CA MET A 162 -2.03 -7.98 -7.95
C MET A 162 -1.42 -7.08 -6.86
N VAL A 163 -2.20 -6.82 -5.81
CA VAL A 163 -1.69 -6.02 -4.70
C VAL A 163 -0.45 -6.68 -4.11
N ASN A 164 -0.53 -8.00 -3.87
CA ASN A 164 0.63 -8.71 -3.32
C ASN A 164 1.83 -8.59 -4.24
N LEU A 165 1.62 -8.70 -5.56
CA LEU A 165 2.72 -8.56 -6.50
C LEU A 165 3.36 -7.19 -6.41
N CYS A 166 2.54 -6.14 -6.21
CA CYS A 166 3.07 -4.79 -6.17
C CYS A 166 3.60 -4.38 -4.81
N ARG A 167 3.34 -5.17 -3.76
CA ARG A 167 3.53 -4.69 -2.39
C ARG A 167 4.99 -4.40 -2.08
N HIS A 168 5.86 -5.40 -2.23
CA HIS A 168 7.21 -5.30 -1.68
C HIS A 168 8.03 -4.23 -2.37
N LYS A 169 8.94 -3.62 -1.61
CA LYS A 169 9.72 -2.47 -2.06
C LYS A 169 11.15 -2.82 -2.42
N ASP A 170 11.87 -3.52 -1.55
CA ASP A 170 13.28 -3.84 -1.77
C ASP A 170 13.47 -5.35 -1.82
N PRO A 171 13.72 -5.95 -2.99
CA PRO A 171 13.76 -5.31 -4.32
C PRO A 171 12.36 -4.94 -4.82
N PRO A 172 12.27 -3.92 -5.68
CA PRO A 172 10.98 -3.57 -6.26
C PRO A 172 10.61 -4.55 -7.37
N PRO A 173 9.33 -4.64 -7.73
CA PRO A 173 8.93 -5.59 -8.76
C PRO A 173 9.55 -5.21 -10.10
N PRO A 174 9.76 -6.18 -10.99
CA PRO A 174 10.35 -5.86 -12.29
C PRO A 174 9.56 -4.81 -13.05
N MET A 175 10.30 -3.99 -13.81
CA MET A 175 9.68 -2.91 -14.57
C MET A 175 8.69 -3.45 -15.58
N GLU A 176 9.00 -4.60 -16.20
CA GLU A 176 8.09 -5.16 -17.20
C GLU A 176 6.80 -5.66 -16.57
N THR A 177 6.89 -6.23 -15.37
CA THR A 177 5.67 -6.62 -14.66
C THR A 177 4.86 -5.39 -14.25
N ILE A 178 5.53 -4.31 -13.83
CA ILE A 178 4.83 -3.06 -13.55
C ILE A 178 4.09 -2.59 -14.79
N GLN A 179 4.76 -2.64 -15.95
CA GLN A 179 4.16 -2.19 -17.19
C GLN A 179 2.97 -3.05 -17.59
N GLU A 180 3.04 -4.36 -17.32
CA GLU A 180 1.91 -5.24 -17.63
C GLU A 180 0.75 -4.99 -16.68
N ILE A 181 1.04 -4.70 -15.42
CA ILE A 181 0.00 -4.58 -14.40
C ILE A 181 -0.76 -3.26 -14.55
N LEU A 182 -0.04 -2.17 -14.85
CA LEU A 182 -0.69 -0.86 -14.85
C LEU A 182 -1.92 -0.79 -15.76
N PRO A 183 -1.89 -1.31 -17.00
CA PRO A 183 -3.12 -1.27 -17.82
C PRO A 183 -4.29 -1.99 -17.19
N ALA A 184 -4.06 -3.13 -16.54
CA ALA A 184 -5.15 -3.83 -15.86
C ALA A 184 -5.69 -2.98 -14.72
N LEU A 185 -4.81 -2.27 -14.00
CA LEU A 185 -5.28 -1.35 -12.98
C LEU A 185 -6.12 -0.23 -13.59
N CYS A 186 -5.75 0.22 -14.79
CA CYS A 186 -6.55 1.23 -15.48
C CYS A 186 -7.93 0.69 -15.83
N VAL A 187 -8.02 -0.59 -16.20
CA VAL A 187 -9.31 -1.17 -16.50
C VAL A 187 -10.14 -1.33 -15.24
N LEU A 188 -9.50 -1.70 -14.12
CA LEU A 188 -10.23 -2.02 -12.90
C LEU A 188 -10.58 -0.79 -12.07
N ILE A 189 -9.89 0.34 -12.28
CA ILE A 189 -10.20 1.55 -11.51
C ILE A 189 -11.62 2.02 -11.75
N HIS A 190 -12.28 1.52 -12.79
CA HIS A 190 -13.65 1.90 -13.12
C HIS A 190 -14.67 0.87 -12.63
N HIS A 191 -14.31 0.07 -11.62
CA HIS A 191 -15.21 -0.96 -11.10
C HIS A 191 -16.02 -0.40 -9.93
N THR A 192 -17.21 -0.96 -9.74
CA THR A 192 -18.09 -0.50 -8.67
C THR A 192 -17.75 -1.16 -7.33
N ASP A 193 -17.25 -2.39 -7.36
CA ASP A 193 -17.00 -3.13 -6.13
C ASP A 193 -15.96 -2.41 -5.28
N VAL A 194 -16.34 -2.14 -4.02
CA VAL A 194 -15.47 -1.38 -3.12
C VAL A 194 -14.19 -2.14 -2.85
N ASN A 195 -14.28 -3.47 -2.69
CA ASN A 195 -13.07 -4.26 -2.43
C ASN A 195 -12.10 -4.18 -3.61
N ILE A 196 -12.62 -4.35 -4.83
CA ILE A 196 -11.78 -4.26 -6.02
C ILE A 196 -11.14 -2.88 -6.10
N LEU A 197 -11.92 -1.82 -5.86
CA LEU A 197 -11.37 -0.48 -5.96
C LEU A 197 -10.30 -0.23 -4.91
N VAL A 198 -10.54 -0.68 -3.67
CA VAL A 198 -9.55 -0.51 -2.61
C VAL A 198 -8.27 -1.24 -2.96
N ASP A 199 -8.39 -2.47 -3.46
CA ASP A 199 -7.19 -3.23 -3.84
C ASP A 199 -6.43 -2.53 -4.95
N THR A 200 -7.14 -2.05 -5.97
CA THR A 200 -6.49 -1.35 -7.07
C THR A 200 -5.74 -0.10 -6.57
N VAL A 201 -6.39 0.68 -5.72
CA VAL A 201 -5.79 1.92 -5.25
C VAL A 201 -4.57 1.62 -4.37
N TRP A 202 -4.66 0.61 -3.51
CA TRP A 202 -3.50 0.24 -2.69
C TRP A 202 -2.36 -0.28 -3.57
N ALA A 203 -2.70 -1.02 -4.64
CA ALA A 203 -1.66 -1.52 -5.53
C ALA A 203 -0.90 -0.37 -6.20
N LEU A 204 -1.64 0.58 -6.77
CA LEU A 204 -0.95 1.70 -7.41
C LEU A 204 -0.31 2.62 -6.38
N SER A 205 -0.78 2.61 -5.13
CA SER A 205 -0.07 3.31 -4.07
C SER A 205 1.30 2.69 -3.83
N TYR A 206 1.35 1.37 -3.69
CA TYR A 206 2.63 0.67 -3.56
C TYR A 206 3.52 0.97 -4.76
N LEU A 207 2.93 1.02 -5.96
CA LEU A 207 3.73 1.31 -7.14
C LEU A 207 4.30 2.73 -7.08
N THR A 208 3.52 3.69 -6.58
CA THR A 208 3.98 5.07 -6.49
C THR A 208 4.94 5.29 -5.33
N ASP A 209 5.00 4.38 -4.37
CA ASP A 209 5.95 4.47 -3.27
C ASP A 209 7.33 3.93 -3.63
N ALA A 210 7.50 3.40 -4.86
CA ALA A 210 8.77 2.79 -5.23
C ALA A 210 9.81 3.83 -5.60
N GLY A 211 9.52 4.68 -6.58
CA GLY A 211 10.48 5.67 -7.02
C GLY A 211 9.86 6.62 -8.01
N ASN A 212 10.68 7.58 -8.43
CA ASN A 212 10.21 8.64 -9.33
C ASN A 212 9.93 8.11 -10.73
N GLU A 213 10.71 7.14 -11.20
CA GLU A 213 10.44 6.57 -12.52
C GLU A 213 9.15 5.75 -12.50
N GLN A 214 8.88 5.05 -11.40
CA GLN A 214 7.60 4.37 -11.26
C GLN A 214 6.45 5.37 -11.20
N ILE A 215 6.65 6.47 -10.48
CA ILE A 215 5.64 7.54 -10.47
C ILE A 215 5.40 8.04 -11.88
N GLN A 216 6.47 8.18 -12.66
CA GLN A 216 6.33 8.67 -14.03
C GLN A 216 5.58 7.66 -14.90
N MET A 217 5.83 6.36 -14.69
CA MET A 217 5.07 5.35 -15.41
C MET A 217 3.59 5.40 -15.05
N VAL A 218 3.29 5.55 -13.75
CA VAL A 218 1.89 5.68 -13.33
C VAL A 218 1.26 6.91 -13.96
N ILE A 219 2.01 8.00 -14.08
CA ILE A 219 1.48 9.21 -14.70
C ILE A 219 1.29 9.00 -16.20
N ASP A 220 2.16 8.21 -16.83
CA ASP A 220 2.01 7.92 -18.26
C ASP A 220 0.80 7.03 -18.52
N SER A 221 0.45 6.17 -17.58
CA SER A 221 -0.70 5.30 -17.77
C SER A 221 -1.98 6.10 -17.98
N GLY A 222 -2.09 7.26 -17.34
CA GLY A 222 -3.26 8.11 -17.48
C GLY A 222 -4.37 7.78 -16.49
N ILE A 223 -4.00 7.41 -15.27
CA ILE A 223 -4.97 7.01 -14.25
C ILE A 223 -5.07 8.01 -13.10
N VAL A 224 -4.11 8.94 -13.01
CA VAL A 224 -4.11 9.93 -11.91
C VAL A 224 -5.42 10.69 -11.89
N PRO A 225 -5.98 11.09 -13.02
CA PRO A 225 -7.26 11.81 -12.97
C PRO A 225 -8.43 10.95 -12.51
N HIS A 226 -8.33 9.62 -12.56
CA HIS A 226 -9.33 8.78 -11.91
C HIS A 226 -9.01 8.59 -10.43
N LEU A 227 -7.73 8.63 -10.08
CA LEU A 227 -7.33 8.48 -8.68
C LEU A 227 -7.76 9.68 -7.85
N VAL A 228 -7.57 10.89 -8.38
CA VAL A 228 -7.84 12.09 -7.59
C VAL A 228 -9.28 12.17 -7.13
N PRO A 229 -10.30 12.00 -7.99
CA PRO A 229 -11.69 12.05 -7.52
C PRO A 229 -11.95 11.13 -6.33
N LEU A 230 -11.34 9.94 -6.30
CA LEU A 230 -11.59 9.00 -5.23
C LEU A 230 -11.21 9.56 -3.86
N LEU A 231 -10.48 10.67 -3.79
CA LEU A 231 -10.21 11.32 -2.52
C LEU A 231 -11.50 11.66 -1.79
N SER A 232 -12.60 11.84 -2.54
CA SER A 232 -13.90 12.13 -1.95
C SER A 232 -14.87 10.96 -2.09
N HIS A 233 -14.35 9.76 -2.34
CA HIS A 233 -15.21 8.58 -2.45
C HIS A 233 -15.99 8.39 -1.16
N GLN A 234 -17.12 7.67 -1.26
CA GLN A 234 -17.96 7.46 -0.10
C GLN A 234 -17.29 6.58 0.94
N GLU A 235 -16.37 5.72 0.53
CA GLU A 235 -15.75 4.75 1.42
C GLU A 235 -14.45 5.31 1.98
N VAL A 236 -14.32 5.24 3.32
CA VAL A 236 -13.13 5.77 3.98
C VAL A 236 -11.89 4.98 3.58
N LYS A 237 -12.03 3.67 3.35
CA LYS A 237 -10.89 2.87 2.90
C LYS A 237 -10.36 3.37 1.57
N VAL A 238 -11.27 3.54 0.60
CA VAL A 238 -10.88 4.08 -0.70
C VAL A 238 -10.23 5.45 -0.52
N GLN A 239 -10.82 6.29 0.32
CA GLN A 239 -10.28 7.63 0.53
C GLN A 239 -8.85 7.57 1.07
N THR A 240 -8.61 6.72 2.06
CA THR A 240 -7.28 6.63 2.65
C THR A 240 -6.26 6.10 1.64
N ALA A 241 -6.64 5.06 0.89
CA ALA A 241 -5.73 4.52 -0.11
C ALA A 241 -5.38 5.57 -1.16
N ALA A 242 -6.40 6.29 -1.66
CA ALA A 242 -6.14 7.32 -2.67
C ALA A 242 -5.31 8.46 -2.10
N LEU A 243 -5.54 8.80 -0.83
CA LEU A 243 -4.76 9.85 -0.20
C LEU A 243 -3.29 9.48 -0.15
N ARG A 244 -2.99 8.26 0.30
CA ARG A 244 -1.59 7.85 0.36
C ARG A 244 -0.99 7.75 -1.04
N ALA A 245 -1.78 7.31 -2.03
CA ALA A 245 -1.25 7.20 -3.39
C ALA A 245 -0.86 8.57 -3.95
N VAL A 246 -1.78 9.54 -3.87
CA VAL A 246 -1.46 10.86 -4.39
C VAL A 246 -0.36 11.50 -3.56
N GLY A 247 -0.32 11.23 -2.26
CA GLY A 247 0.79 11.71 -1.45
C GLY A 247 2.12 11.21 -1.97
N ASN A 248 2.22 9.90 -2.20
CA ASN A 248 3.43 9.33 -2.80
C ASN A 248 3.78 10.05 -4.09
N ILE A 249 2.78 10.25 -4.96
CA ILE A 249 3.05 10.85 -6.27
C ILE A 249 3.60 12.26 -6.09
N VAL A 250 3.08 13.02 -5.13
CA VAL A 250 3.53 14.40 -4.95
C VAL A 250 4.84 14.49 -4.17
N THR A 251 5.38 13.37 -3.70
CA THR A 251 6.72 13.35 -3.12
C THR A 251 7.80 13.39 -4.19
N GLY A 252 7.44 13.34 -5.46
CA GLY A 252 8.40 13.35 -6.55
C GLY A 252 8.69 14.74 -7.07
N THR A 253 8.87 14.85 -8.38
CA THR A 253 9.26 16.11 -8.99
C THR A 253 8.10 17.10 -8.99
N ASP A 254 8.43 18.38 -9.12
CA ASP A 254 7.40 19.41 -9.20
C ASP A 254 6.52 19.22 -10.42
N GLU A 255 7.06 18.66 -11.50
CA GLU A 255 6.25 18.38 -12.69
C GLU A 255 5.15 17.38 -12.37
N GLN A 256 5.50 16.28 -11.69
CA GLN A 256 4.52 15.28 -11.31
C GLN A 256 3.54 15.84 -10.29
N THR A 257 4.04 16.63 -9.34
CA THR A 257 3.15 17.29 -8.39
C THR A 257 2.14 18.17 -9.10
N GLN A 258 2.58 18.88 -10.15
CA GLN A 258 1.66 19.75 -10.88
C GLN A 258 0.65 18.92 -11.68
N VAL A 259 1.09 17.79 -12.23
CA VAL A 259 0.14 16.88 -12.88
C VAL A 259 -0.95 16.47 -11.90
N VAL A 260 -0.56 16.14 -10.67
CA VAL A 260 -1.56 15.79 -9.66
C VAL A 260 -2.49 16.98 -9.38
N LEU A 261 -1.90 18.17 -9.21
CA LEU A 261 -2.68 19.35 -8.87
C LEU A 261 -3.62 19.78 -10.00
N ASN A 262 -3.32 19.40 -11.24
CA ASN A 262 -4.17 19.82 -12.37
C ASN A 262 -5.52 19.13 -12.38
N CYS A 263 -5.64 17.99 -11.70
CA CYS A 263 -6.92 17.28 -11.61
C CYS A 263 -7.83 17.84 -10.53
N ASP A 264 -7.63 19.10 -10.12
CA ASP A 264 -8.47 19.74 -9.11
C ASP A 264 -8.49 18.91 -7.83
N ALA A 265 -7.29 18.53 -7.36
CA ALA A 265 -7.18 17.69 -6.18
C ALA A 265 -7.43 18.46 -4.89
N LEU A 266 -6.93 19.70 -4.81
CA LEU A 266 -7.06 20.48 -3.58
C LEU A 266 -8.52 20.76 -3.23
N SER A 267 -9.44 20.60 -4.19
CA SER A 267 -10.85 20.77 -3.89
C SER A 267 -11.36 19.72 -2.91
N HIS A 268 -10.70 18.56 -2.84
CA HIS A 268 -11.17 17.46 -2.00
C HIS A 268 -10.64 17.52 -0.58
N PHE A 269 -9.80 18.50 -0.25
CA PHE A 269 -9.05 18.47 1.00
C PHE A 269 -9.71 19.19 2.17
N PRO A 270 -10.69 20.08 1.96
CA PRO A 270 -11.39 20.63 3.14
C PRO A 270 -12.06 19.56 3.97
N ALA A 271 -12.75 18.62 3.33
CA ALA A 271 -13.40 17.54 4.07
C ALA A 271 -12.37 16.67 4.78
N LEU A 272 -11.22 16.42 4.15
CA LEU A 272 -10.19 15.61 4.78
C LEU A 272 -9.56 16.32 5.97
N LEU A 273 -9.41 17.64 5.87
CA LEU A 273 -8.84 18.42 6.97
C LEU A 273 -9.83 18.54 8.13
N THR A 274 -11.13 18.52 7.84
CA THR A 274 -12.16 18.57 8.88
C THR A 274 -12.68 17.19 9.26
N HIS A 275 -12.08 16.12 8.74
CA HIS A 275 -12.58 14.78 9.00
C HIS A 275 -12.40 14.42 10.48
N PRO A 276 -13.31 13.63 11.05
CA PRO A 276 -13.18 13.26 12.47
C PRO A 276 -11.98 12.37 12.75
N LYS A 277 -11.37 11.77 11.75
CA LYS A 277 -10.28 10.82 11.95
C LYS A 277 -8.94 11.53 11.85
N GLU A 278 -8.19 11.52 12.96
CA GLU A 278 -6.91 12.21 13.00
C GLU A 278 -5.89 11.62 12.05
N LYS A 279 -6.01 10.33 11.73
CA LYS A 279 -5.10 9.75 10.75
C LYS A 279 -5.33 10.36 9.37
N ILE A 280 -6.60 10.47 8.95
CA ILE A 280 -6.90 11.18 7.71
C ILE A 280 -6.38 12.60 7.79
N ASN A 281 -6.59 13.27 8.92
CA ASN A 281 -6.10 14.64 9.07
C ASN A 281 -4.60 14.72 8.84
N LYS A 282 -3.82 13.83 9.47
CA LYS A 282 -2.38 13.93 9.40
C LYS A 282 -1.87 13.57 8.02
N GLU A 283 -2.49 12.58 7.35
CA GLU A 283 -2.06 12.27 5.99
C GLU A 283 -2.37 13.41 5.03
N ALA A 284 -3.52 14.07 5.21
CA ALA A 284 -3.82 15.23 4.37
C ALA A 284 -2.84 16.37 4.62
N VAL A 285 -2.48 16.60 5.90
CA VAL A 285 -1.50 17.63 6.21
C VAL A 285 -0.14 17.27 5.65
N TRP A 286 0.20 15.98 5.59
CA TRP A 286 1.46 15.55 5.01
C TRP A 286 1.48 15.82 3.50
N PHE A 287 0.39 15.47 2.81
CA PHE A 287 0.24 15.83 1.41
C PHE A 287 0.46 17.32 1.21
N LEU A 288 -0.22 18.14 2.03
CA LEU A 288 -0.13 19.58 1.85
C LEU A 288 1.25 20.12 2.19
N SER A 289 1.97 19.46 3.12
CA SER A 289 3.35 19.84 3.37
C SER A 289 4.23 19.58 2.15
N ASN A 290 4.05 18.41 1.53
CA ASN A 290 4.79 18.13 0.30
C ASN A 290 4.43 19.11 -0.80
N ILE A 291 3.20 19.62 -0.80
CA ILE A 291 2.83 20.63 -1.79
C ILE A 291 3.49 21.97 -1.48
N THR A 292 3.54 22.33 -0.19
CA THR A 292 4.19 23.58 0.20
C THR A 292 5.70 23.54 0.00
N ALA A 293 6.29 22.35 -0.07
CA ALA A 293 7.71 22.22 -0.36
C ALA A 293 8.01 22.31 -1.85
N GLY A 294 7.11 22.88 -2.66
CA GLY A 294 7.30 22.96 -4.09
C GLY A 294 7.45 24.38 -4.60
N ASN A 295 6.87 24.66 -5.75
CA ASN A 295 6.98 25.98 -6.35
C ASN A 295 6.17 27.01 -5.58
N GLN A 296 6.57 28.27 -5.72
CA GLN A 296 5.79 29.36 -5.14
C GLN A 296 4.41 29.45 -5.77
N GLN A 297 4.29 29.05 -7.04
CA GLN A 297 2.97 28.99 -7.67
C GLN A 297 2.09 27.94 -6.98
N GLN A 298 2.68 26.81 -6.60
CA GLN A 298 1.93 25.79 -5.90
C GLN A 298 1.58 26.24 -4.48
N VAL A 299 2.48 26.96 -3.83
CA VAL A 299 2.15 27.58 -2.54
C VAL A 299 0.96 28.52 -2.70
N GLN A 300 0.96 29.31 -3.77
CA GLN A 300 -0.15 30.21 -4.02
C GLN A 300 -1.44 29.45 -4.26
N ALA A 301 -1.37 28.32 -4.97
CA ALA A 301 -2.54 27.48 -5.15
C ALA A 301 -3.08 26.99 -3.80
N VAL A 302 -2.20 26.49 -2.95
CA VAL A 302 -2.60 26.06 -1.62
C VAL A 302 -3.28 27.19 -0.87
N ILE A 303 -2.72 28.40 -0.95
CA ILE A 303 -3.30 29.54 -0.25
C ILE A 303 -4.68 29.86 -0.82
N ASP A 304 -4.83 29.76 -2.14
CA ASP A 304 -6.11 30.08 -2.78
C ASP A 304 -7.20 29.08 -2.40
N ALA A 305 -6.83 27.82 -2.20
CA ALA A 305 -7.82 26.83 -1.80
C ALA A 305 -8.35 27.05 -0.38
N ASN A 306 -7.77 28.01 0.36
CA ASN A 306 -8.25 28.34 1.70
C ASN A 306 -8.07 27.18 2.66
N LEU A 307 -6.96 26.47 2.54
CA LEU A 307 -6.63 25.36 3.42
C LEU A 307 -5.66 25.76 4.53
N VAL A 308 -5.03 26.92 4.41
CA VAL A 308 -3.99 27.36 5.35
C VAL A 308 -4.59 27.63 6.73
N PRO A 309 -5.77 28.25 6.84
CA PRO A 309 -6.34 28.44 8.18
C PRO A 309 -6.66 27.12 8.87
N MET A 310 -7.12 26.12 8.13
CA MET A 310 -7.34 24.79 8.73
C MET A 310 -6.03 24.15 9.14
N ILE A 311 -4.98 24.32 8.32
CA ILE A 311 -3.68 23.81 8.70
C ILE A 311 -3.21 24.45 10.00
N ILE A 312 -3.47 25.75 10.15
CA ILE A 312 -3.05 26.45 11.37
C ILE A 312 -3.88 25.99 12.56
N HIS A 313 -5.19 25.78 12.36
CA HIS A 313 -6.02 25.28 13.45
C HIS A 313 -5.56 23.91 13.91
N LEU A 314 -5.14 23.06 12.96
CA LEU A 314 -4.58 21.76 13.34
C LEU A 314 -3.27 21.93 14.09
N LEU A 315 -2.38 22.80 13.58
CA LEU A 315 -1.16 23.12 14.30
C LEU A 315 -1.44 23.55 15.72
N ASP A 316 -2.60 24.19 15.95
CA ASP A 316 -2.91 24.73 17.27
C ASP A 316 -3.51 23.67 18.19
N LYS A 317 -4.54 22.95 17.73
CA LYS A 317 -5.34 22.12 18.62
C LYS A 317 -5.45 20.66 18.20
N GLY A 318 -4.64 20.19 17.26
CA GLY A 318 -4.78 18.85 16.74
C GLY A 318 -3.89 17.84 17.45
N ASP A 319 -4.07 16.57 17.05
CA ASP A 319 -3.19 15.51 17.52
C ASP A 319 -1.74 15.89 17.28
N PHE A 320 -0.84 15.35 18.10
CA PHE A 320 0.55 15.79 18.05
C PHE A 320 1.24 15.40 16.74
N GLY A 321 0.88 14.25 16.16
CA GLY A 321 1.43 13.91 14.86
C GLY A 321 0.98 14.86 13.78
N THR A 322 -0.31 15.19 13.76
CA THR A 322 -0.82 16.19 12.84
C THR A 322 -0.15 17.55 13.08
N GLN A 323 0.16 17.86 14.34
CA GLN A 323 0.85 19.10 14.66
C GLN A 323 2.25 19.11 14.06
N LYS A 324 2.96 17.99 14.17
CA LYS A 324 4.29 17.89 13.57
C LYS A 324 4.22 18.07 12.06
N GLU A 325 3.26 17.39 11.41
CA GLU A 325 3.12 17.52 9.97
C GLU A 325 2.75 18.95 9.57
N ALA A 326 1.93 19.62 10.38
CA ALA A 326 1.55 20.99 10.08
C ALA A 326 2.73 21.94 10.27
N ALA A 327 3.56 21.69 11.28
CA ALA A 327 4.79 22.47 11.44
C ALA A 327 5.68 22.30 10.22
N TRP A 328 5.82 21.06 9.73
CA TRP A 328 6.57 20.83 8.51
C TRP A 328 5.98 21.64 7.35
N ALA A 329 4.66 21.60 7.18
CA ALA A 329 4.03 22.32 6.08
C ALA A 329 4.30 23.81 6.18
N ILE A 330 4.14 24.39 7.37
CA ILE A 330 4.33 25.82 7.56
C ILE A 330 5.78 26.20 7.28
N SER A 331 6.72 25.41 7.81
CA SER A 331 8.14 25.73 7.60
C SER A 331 8.50 25.63 6.12
N ASN A 332 7.97 24.62 5.42
CA ASN A 332 8.23 24.51 4.00
C ASN A 332 7.63 25.68 3.23
N LEU A 333 6.49 26.19 3.67
CA LEU A 333 5.91 27.36 3.02
C LEU A 333 6.76 28.60 3.27
N THR A 334 7.31 28.74 4.48
CA THR A 334 8.07 29.94 4.81
C THR A 334 9.39 29.99 4.05
N ILE A 335 10.05 28.85 3.87
CA ILE A 335 11.32 28.84 3.15
C ILE A 335 11.09 28.93 1.64
N SER A 336 9.96 28.41 1.15
CA SER A 336 9.68 28.36 -0.28
C SER A 336 8.58 29.33 -0.69
N GLY A 337 8.31 30.35 0.12
CA GLY A 337 7.25 31.29 -0.15
C GLY A 337 7.78 32.70 -0.28
N ARG A 338 7.05 33.53 -1.04
CA ARG A 338 7.40 34.92 -1.20
C ARG A 338 7.00 35.71 0.04
N LYS A 339 7.49 36.95 0.11
CA LYS A 339 7.24 37.78 1.28
C LYS A 339 5.74 38.00 1.48
N ASP A 340 4.98 38.15 0.38
CA ASP A 340 3.54 38.34 0.51
C ASP A 340 2.88 37.10 1.10
N GLN A 341 3.37 35.91 0.76
CA GLN A 341 2.78 34.68 1.28
C GLN A 341 3.13 34.49 2.76
N VAL A 342 4.37 34.81 3.14
CA VAL A 342 4.72 34.77 4.56
C VAL A 342 3.91 35.81 5.33
N ALA A 343 3.64 36.96 4.69
CA ALA A 343 2.80 37.98 5.31
C ALA A 343 1.39 37.43 5.54
N TYR A 344 0.83 36.76 4.54
CA TYR A 344 -0.47 36.11 4.72
C TYR A 344 -0.43 35.14 5.90
N LEU A 345 0.61 34.31 5.96
CA LEU A 345 0.74 33.36 7.07
C LEU A 345 0.67 34.09 8.41
N ILE A 346 1.45 35.16 8.57
CA ILE A 346 1.45 35.86 9.86
C ILE A 346 0.11 36.55 10.09
N GLN A 347 -0.57 36.98 9.03
CA GLN A 347 -1.89 37.59 9.19
C GLN A 347 -2.90 36.58 9.71
N GLN A 348 -2.74 35.31 9.35
CA GLN A 348 -3.65 34.27 9.81
C GLN A 348 -3.29 33.74 11.21
N ASN A 349 -2.57 34.52 12.01
CA ASN A 349 -2.22 34.16 13.38
C ASN A 349 -1.65 32.73 13.45
N VAL A 350 -0.40 32.63 12.99
CA VAL A 350 0.32 31.37 13.01
C VAL A 350 1.42 31.34 14.08
N ILE A 351 1.84 32.49 14.58
CA ILE A 351 3.02 32.59 15.44
C ILE A 351 2.78 31.92 16.79
N PRO A 352 1.65 32.16 17.47
CA PRO A 352 1.46 31.55 18.80
C PRO A 352 1.53 30.03 18.73
N PRO A 353 0.73 29.39 17.86
CA PRO A 353 0.79 27.92 17.81
C PRO A 353 2.09 27.39 17.23
N PHE A 354 2.70 28.09 16.27
CA PHE A 354 3.99 27.67 15.75
C PHE A 354 5.08 27.77 16.81
N CYS A 355 4.89 28.63 17.81
CA CYS A 355 5.87 28.78 18.89
C CYS A 355 5.62 27.80 20.04
N ASN A 356 4.37 27.50 20.35
CA ASN A 356 4.08 26.63 21.48
C ASN A 356 4.74 25.26 21.33
N LEU A 357 5.01 24.83 20.09
CA LEU A 357 5.64 23.52 19.89
C LEU A 357 7.10 23.50 20.28
N LEU A 358 7.73 24.66 20.45
CA LEU A 358 9.16 24.72 20.76
C LEU A 358 9.52 23.92 22.00
N THR A 359 8.54 23.62 22.87
CA THR A 359 8.80 22.93 24.12
C THR A 359 8.80 21.41 23.97
N VAL A 360 8.42 20.87 22.81
CA VAL A 360 8.34 19.43 22.65
C VAL A 360 9.73 18.82 22.58
N LYS A 361 9.81 17.51 22.81
CA LYS A 361 11.10 16.82 22.85
C LYS A 361 11.66 16.56 21.45
N ASP A 362 10.79 16.38 20.46
CA ASP A 362 11.23 16.05 19.11
C ASP A 362 12.20 17.10 18.58
N ALA A 363 13.48 16.74 18.51
CA ALA A 363 14.49 17.67 18.00
C ALA A 363 14.16 18.09 16.57
N GLN A 364 13.63 17.17 15.76
CA GLN A 364 13.32 17.50 14.37
C GLN A 364 12.28 18.60 14.28
N VAL A 365 11.17 18.44 15.00
CA VAL A 365 10.10 19.43 14.93
C VAL A 365 10.53 20.74 15.57
N VAL A 366 11.31 20.67 16.66
CA VAL A 366 11.81 21.89 17.28
C VAL A 366 12.70 22.67 16.32
N GLN A 367 13.60 21.97 15.62
CA GLN A 367 14.48 22.62 14.66
C GLN A 367 13.69 23.17 13.48
N VAL A 368 12.66 22.44 13.04
CA VAL A 368 11.82 22.93 11.94
C VAL A 368 11.13 24.23 12.35
N VAL A 369 10.58 24.26 13.57
CA VAL A 369 9.91 25.46 14.05
C VAL A 369 10.89 26.62 14.13
N LEU A 370 12.08 26.38 14.69
CA LEU A 370 13.07 27.43 14.82
C LEU A 370 13.50 27.95 13.44
N ASP A 371 13.67 27.05 12.47
CA ASP A 371 14.07 27.47 11.13
C ASP A 371 12.98 28.30 10.47
N GLY A 372 11.73 27.85 10.58
CA GLY A 372 10.63 28.63 10.03
C GLY A 372 10.57 30.01 10.64
N LEU A 373 10.68 30.10 11.96
CA LEU A 373 10.64 31.40 12.63
C LEU A 373 11.79 32.29 12.18
N SER A 374 12.99 31.73 12.08
CA SER A 374 14.15 32.53 11.69
C SER A 374 13.99 33.05 10.26
N ASN A 375 13.55 32.19 9.34
CA ASN A 375 13.36 32.62 7.97
C ASN A 375 12.24 33.65 7.86
N ILE A 376 11.19 33.51 8.67
CA ILE A 376 10.13 34.50 8.69
C ILE A 376 10.68 35.85 9.13
N LEU A 377 11.45 35.85 10.23
CA LEU A 377 12.05 37.09 10.71
C LEU A 377 12.95 37.72 9.66
N LYS A 378 13.74 36.91 8.97
CA LYS A 378 14.61 37.45 7.92
C LYS A 378 13.78 38.06 6.79
N MET A 379 12.74 37.35 6.35
CA MET A 379 11.87 37.87 5.29
C MET A 379 11.21 39.17 5.71
N ALA A 380 10.91 39.34 6.99
CA ALA A 380 10.29 40.56 7.48
C ALA A 380 11.18 41.77 7.23
N GLU A 407 22.15 20.29 24.14
CA GLU A 407 21.54 19.22 23.31
C GLU A 407 22.08 19.31 21.88
N ASN A 408 21.18 19.35 20.89
CA ASN A 408 21.59 19.36 19.45
C ASN A 408 22.30 20.67 19.14
N GLU A 409 23.42 20.57 18.40
CA GLU A 409 24.16 21.79 18.01
C GLU A 409 23.26 22.65 17.13
N ASP A 410 22.62 22.00 16.15
CA ASP A 410 21.77 22.70 15.15
C ASP A 410 20.70 23.55 15.82
N ILE A 411 20.17 23.09 16.96
CA ILE A 411 19.07 23.85 17.60
C ILE A 411 19.70 25.08 18.24
N TYR A 412 20.62 24.87 19.19
CA TYR A 412 21.20 26.01 19.94
C TYR A 412 21.81 27.03 18.98
N LYS A 413 22.44 26.54 17.91
CA LYS A 413 23.13 27.46 16.99
C LYS A 413 22.08 28.39 16.39
N LEU A 414 20.94 27.83 15.96
CA LEU A 414 19.87 28.65 15.36
C LEU A 414 19.34 29.59 16.44
N ALA A 415 19.18 29.08 17.66
CA ALA A 415 18.58 29.94 18.69
C ALA A 415 19.50 31.14 18.87
N TYR A 416 20.80 30.88 18.93
CA TYR A 416 21.77 31.99 19.07
C TYR A 416 21.75 32.88 17.83
N GLU A 417 21.72 32.29 16.64
CA GLU A 417 21.80 33.16 15.43
C GLU A 417 20.57 34.06 15.42
N ILE A 418 19.41 33.48 15.70
CA ILE A 418 18.15 34.28 15.64
C ILE A 418 18.26 35.35 16.71
N ILE A 419 18.70 34.96 17.90
CA ILE A 419 18.72 35.97 19.01
C ILE A 419 19.74 37.04 18.63
N ASP A 420 20.87 36.65 18.04
CA ASP A 420 21.90 37.68 17.76
C ASP A 420 21.33 38.67 16.74
N GLN A 421 20.72 38.17 15.67
CA GLN A 421 20.21 39.08 14.60
C GLN A 421 18.94 39.83 15.02
N PHE A 422 18.02 39.17 15.71
CA PHE A 422 16.71 39.82 16.00
C PHE A 422 16.59 40.27 17.46
N PHE A 423 17.05 39.46 18.41
CA PHE A 423 17.08 39.93 19.83
C PHE A 423 18.08 41.07 19.95
N SER A 424 19.21 40.93 19.26
CA SER A 424 20.26 41.97 19.31
C SER A 424 20.51 42.51 17.89
N ARG B 4 12.32 20.33 2.12
CA ARG B 4 12.23 19.53 0.90
C ARG B 4 11.14 18.47 1.04
N LYS B 5 10.92 17.70 -0.02
CA LYS B 5 9.87 16.70 -0.02
C LYS B 5 10.22 15.55 0.90
N ARG B 6 9.21 15.07 1.63
CA ARG B 6 9.38 13.97 2.58
C ARG B 6 8.44 12.83 2.22
N SER B 7 8.88 11.61 2.53
CA SER B 7 8.13 10.40 2.22
C SER B 7 7.54 9.81 3.48
N HIS B 8 6.57 8.90 3.29
CA HIS B 8 5.84 8.33 4.42
C HIS B 8 6.75 7.47 5.28
N SER B 9 6.41 7.37 6.57
CA SER B 9 7.20 6.59 7.50
C SER B 9 7.07 5.10 7.19
N PRO B 10 8.10 4.30 7.47
CA PRO B 10 7.99 2.86 7.21
C PRO B 10 6.97 2.20 8.13
N THR B 11 6.18 1.31 7.53
CA THR B 11 5.14 0.60 8.27
C THR B 11 5.54 -0.86 8.47
N ARG B 15 3.35 -9.45 5.65
CA ARG B 15 2.89 -10.65 4.96
C ARG B 15 1.36 -10.72 4.98
N TYR B 16 0.75 -10.52 3.81
CA TYR B 16 -0.70 -10.59 3.65
C TYR B 16 -1.05 -11.95 3.07
N VAL B 17 -1.36 -12.89 3.95
CA VAL B 17 -1.83 -14.22 3.56
C VAL B 17 -3.26 -14.38 4.05
N LYS B 18 -4.04 -15.16 3.30
CA LYS B 18 -5.46 -15.34 3.59
C LYS B 18 -5.78 -16.83 3.59
N ARG B 19 -6.46 -17.29 4.63
CA ARG B 19 -6.94 -18.65 4.72
C ARG B 19 -8.32 -18.77 4.09
N ARG B 20 -8.63 -19.96 3.57
CA ARG B 20 -9.98 -20.28 3.11
C ARG B 20 -10.63 -21.17 4.16
N PHE B 21 -11.79 -20.75 4.66
CA PHE B 21 -12.52 -21.50 5.67
C PHE B 21 -13.78 -22.12 5.08
#